data_8SDS
#
_entry.id   8SDS
#
_cell.length_a   45.133
_cell.length_b   71.498
_cell.length_c   105.932
_cell.angle_alpha   90.000
_cell.angle_beta   90.000
_cell.angle_gamma   90.000
#
_symmetry.space_group_name_H-M   'P 21 21 21'
#
loop_
_entity.id
_entity.type
_entity.pdbx_description
1 polymer Beta-lactamase
2 non-polymer PINACOL[[2-AMINO-ALPHA-(1-CARBOXY-1-METHYLETHOXYIMINO)-4-THIAZOLEACETYL]AMINO]METHANEBORONATE
3 non-polymer IMIDAZOLE
4 water water
#
_entity_poly.entity_id   1
_entity_poly.type   'polypeptide(L)'
_entity_poly.pdbx_seq_one_letter_code
;MRDTRFPCLCGIAASTLLFATTPAIAGEAPADRLKALVDAAVQPVMKANDIPGLAVAISLKGEPHYFSYGLASKEDGRRV
TPETLFEIGSVSKTFTATLAGYALAQDKMRLDDRASQHWPALQGSRFDGISLLDLATYTAGGLPLQFPDSVQKDQAQIRD
YYRQWQPTYAPGSQRLYSNPSIGLFGYLAARSLGQPFERLMEQQVFPALGLEQTHLDVPEAALAQYAQGYGKDDRPLRVG
PGPLDAEGHGVKTSAADLLRFVDANLHPERLDRPWAQALDATHRGYYKVGDMTQGLGWEAYDWPISLKRLQAGNSTPMAL
QPHRIARLPAPQALEGQRLLNKTGSTNGFGAYVAFVPGRDLGLVILANRNYPNAERVKIAYAILSGLEQQGKVPLKR
;
_entity_poly.pdbx_strand_id   A
#
loop_
_chem_comp.id
_chem_comp.type
_chem_comp.name
_chem_comp.formula
CB4 non-polymer PINACOL[[2-AMINO-ALPHA-(1-CARBOXY-1-METHYLETHOXYIMINO)-4-THIAZOLEACETYL]AMINO]METHANEBORONATE 'C10 H15 B N4 O6 S'
IMD non-polymer IMIDAZOLE 'C3 H5 N2 1'
#
# COMPACT_ATOMS: atom_id res chain seq x y z
N ALA A 29 31.89 -7.89 13.37
CA ALA A 29 31.79 -6.42 13.13
C ALA A 29 30.56 -6.11 12.25
N PRO A 30 30.35 -6.73 11.08
CA PRO A 30 29.26 -6.33 10.19
C PRO A 30 27.87 -6.40 10.84
N ALA A 31 27.55 -7.48 11.55
CA ALA A 31 26.26 -7.61 12.24
C ALA A 31 26.16 -6.53 13.32
N ASP A 32 27.27 -6.18 13.98
CA ASP A 32 27.33 -5.12 15.00
C ASP A 32 27.03 -3.79 14.30
N ARG A 33 27.64 -3.54 13.13
CA ARG A 33 27.48 -2.25 12.42
C ARG A 33 26.02 -2.11 11.98
N LEU A 34 25.41 -3.17 11.44
CA LEU A 34 24.02 -3.09 10.92
C LEU A 34 23.07 -2.82 12.08
N LYS A 35 23.23 -3.54 13.18
CA LYS A 35 22.42 -3.32 14.40
C LYS A 35 22.58 -1.87 14.88
N ALA A 36 23.82 -1.35 14.90
CA ALA A 36 24.05 0.04 15.37
C ALA A 36 23.30 1.02 14.46
N LEU A 37 23.34 0.80 13.14
CA LEU A 37 22.68 1.69 12.12
C LEU A 37 21.18 1.69 12.37
N VAL A 38 20.60 0.50 12.48
CA VAL A 38 19.12 0.38 12.60
C VAL A 38 18.70 0.93 13.96
N ASP A 39 19.39 0.55 15.03
CA ASP A 39 19.08 1.10 16.39
C ASP A 39 19.14 2.63 16.37
N ALA A 40 20.15 3.23 15.73
CA ALA A 40 20.34 4.70 15.73
C ALA A 40 19.20 5.35 14.95
N ALA A 41 18.67 4.69 13.92
CA ALA A 41 17.53 5.21 13.13
C ALA A 41 16.22 5.07 13.92
N VAL A 42 15.99 3.91 14.57
CA VAL A 42 14.68 3.54 15.13
C VAL A 42 14.50 4.13 16.54
N GLN A 43 15.46 3.95 17.42
CA GLN A 43 15.24 4.19 18.87
C GLN A 43 14.80 5.62 19.15
N PRO A 44 15.45 6.67 18.60
CA PRO A 44 15.02 8.04 18.86
C PRO A 44 13.60 8.33 18.34
N VAL A 45 13.24 7.75 17.20
CA VAL A 45 11.91 7.99 16.60
C VAL A 45 10.85 7.26 17.44
N MET A 46 11.14 6.07 17.95
CA MET A 46 10.16 5.38 18.86
C MET A 46 9.98 6.21 20.13
N LYS A 47 11.04 6.80 20.67
CA LYS A 47 10.93 7.58 21.92
C LYS A 47 10.12 8.85 21.63
N ALA A 48 10.46 9.57 20.57
CA ALA A 48 9.88 10.89 20.20
C ALA A 48 8.40 10.77 19.87
N ASN A 49 7.96 9.62 19.34
CA ASN A 49 6.56 9.44 18.90
C ASN A 49 5.83 8.46 19.81
N ASP A 50 6.43 8.08 20.94
CA ASP A 50 5.85 7.15 21.95
C ASP A 50 5.32 5.90 21.25
N ILE A 51 6.12 5.29 20.37
CA ILE A 51 5.70 4.09 19.62
C ILE A 51 5.89 2.88 20.51
N PRO A 52 4.83 2.13 20.91
CA PRO A 52 5.05 1.01 21.80
C PRO A 52 5.90 -0.10 21.17
N GLY A 53 5.62 -0.44 19.91
CA GLY A 53 6.24 -1.59 19.23
C GLY A 53 6.52 -1.31 17.76
N LEU A 54 7.66 -1.77 17.29
CA LEU A 54 8.06 -1.51 15.89
C LEU A 54 8.90 -2.68 15.40
N ALA A 55 8.60 -3.18 14.19
CA ALA A 55 9.34 -4.26 13.53
C ALA A 55 9.99 -3.69 12.26
N VAL A 56 11.28 -3.91 12.14
CA VAL A 56 12.06 -3.63 10.89
C VAL A 56 12.41 -4.95 10.21
N ALA A 57 12.24 -5.02 8.90
CA ALA A 57 12.82 -6.09 8.07
C ALA A 57 13.53 -5.45 6.89
N ILE A 58 14.75 -5.91 6.64
CA ILE A 58 15.63 -5.39 5.58
C ILE A 58 16.01 -6.56 4.68
N SER A 59 15.94 -6.33 3.38
CA SER A 59 16.49 -7.24 2.36
C SER A 59 17.73 -6.56 1.78
N LEU A 60 18.90 -7.17 1.97
CA LEU A 60 20.22 -6.62 1.59
C LEU A 60 20.96 -7.68 0.78
N LYS A 61 21.10 -7.51 -0.54
CA LYS A 61 21.87 -8.44 -1.40
C LYS A 61 21.31 -9.85 -1.23
N GLY A 62 19.99 -9.98 -1.19
CA GLY A 62 19.26 -11.26 -1.16
C GLY A 62 19.25 -11.89 0.23
N GLU A 63 19.67 -11.16 1.26
CA GLU A 63 19.70 -11.68 2.65
C GLU A 63 18.74 -10.87 3.51
N PRO A 64 17.86 -11.54 4.28
CA PRO A 64 16.96 -10.86 5.21
C PRO A 64 17.63 -10.58 6.55
N HIS A 65 17.28 -9.44 7.12
CA HIS A 65 17.74 -9.01 8.47
C HIS A 65 16.52 -8.46 9.19
N TYR A 66 16.33 -8.90 10.43
CA TYR A 66 15.17 -8.47 11.23
C TYR A 66 15.64 -7.76 12.51
N PHE A 67 14.93 -6.70 12.85
CA PHE A 67 15.14 -5.93 14.10
C PHE A 67 13.78 -5.65 14.68
N SER A 68 13.55 -6.10 15.91
CA SER A 68 12.24 -6.00 16.58
C SER A 68 12.41 -5.18 17.86
N TYR A 69 11.51 -4.26 18.08
CA TYR A 69 11.60 -3.34 19.23
C TYR A 69 10.26 -3.29 19.98
N GLY A 70 10.33 -3.24 21.31
CA GLY A 70 9.20 -2.89 22.16
C GLY A 70 8.09 -3.93 22.15
N LEU A 71 6.88 -3.44 22.38
CA LEU A 71 5.74 -4.28 22.77
C LEU A 71 4.65 -4.25 21.72
N ALA A 72 4.17 -5.43 21.38
CA ALA A 72 2.97 -5.62 20.53
C ALA A 72 1.72 -5.24 21.32
N SER A 73 1.72 -5.55 22.61
CA SER A 73 0.64 -5.17 23.56
C SER A 73 1.29 -4.71 24.87
N LYS A 74 1.04 -3.48 25.26
CA LYS A 74 1.51 -2.92 26.53
C LYS A 74 0.82 -3.63 27.69
N GLU A 75 -0.46 -3.96 27.54
CA GLU A 75 -1.26 -4.48 28.67
C GLU A 75 -0.76 -5.88 29.06
N ASP A 76 -0.41 -6.73 28.10
CA ASP A 76 0.01 -8.12 28.45
C ASP A 76 1.52 -8.33 28.26
N GLY A 77 2.28 -7.31 27.88
CA GLY A 77 3.75 -7.41 27.78
C GLY A 77 4.22 -8.23 26.60
N ARG A 78 3.37 -8.60 25.64
CA ARG A 78 3.80 -9.37 24.45
C ARG A 78 4.77 -8.50 23.65
N ARG A 79 5.95 -9.03 23.39
CA ARG A 79 7.00 -8.34 22.63
C ARG A 79 6.75 -8.46 21.13
N VAL A 80 7.14 -7.43 20.39
CA VAL A 80 7.20 -7.51 18.90
C VAL A 80 8.26 -8.53 18.49
N THR A 81 7.95 -9.29 17.44
CA THR A 81 8.87 -10.19 16.73
C THR A 81 8.64 -9.99 15.24
N PRO A 82 9.42 -10.65 14.38
CA PRO A 82 9.21 -10.56 12.93
C PRO A 82 7.93 -11.26 12.46
N GLU A 83 7.27 -11.98 13.38
CA GLU A 83 6.00 -12.71 13.10
C GLU A 83 4.79 -11.95 13.67
N THR A 84 5.00 -10.87 14.42
CA THR A 84 3.90 -10.02 14.92
C THR A 84 3.09 -9.50 13.73
N LEU A 85 1.77 -9.60 13.80
CA LEU A 85 0.89 -9.03 12.76
C LEU A 85 0.58 -7.59 13.07
N PHE A 86 0.72 -6.72 12.08
CA PHE A 86 0.39 -5.29 12.16
C PHE A 86 -0.62 -4.97 11.09
N GLU A 87 -1.50 -4.01 11.33
CA GLU A 87 -2.28 -3.38 10.24
C GLU A 87 -1.31 -2.56 9.40
N ILE A 88 -1.38 -2.69 8.08
CA ILE A 88 -0.49 -1.91 7.19
C ILE A 88 -1.28 -0.82 6.48
N GLY A 89 -2.58 -0.71 6.73
CA GLY A 89 -3.38 0.36 6.12
C GLY A 89 -3.15 0.43 4.61
N SER A 90 -2.90 1.61 4.08
CA SER A 90 -2.81 1.84 2.61
C SER A 90 -1.63 1.12 1.95
N VAL A 91 -0.70 0.48 2.68
CA VAL A 91 0.26 -0.43 1.99
C VAL A 91 -0.54 -1.55 1.33
N SER A 92 -1.75 -1.83 1.83
CA SER A 92 -2.69 -2.81 1.23
C SER A 92 -2.95 -2.46 -0.24
N LYS A 93 -2.89 -1.17 -0.62
CA LYS A 93 -3.14 -0.75 -2.03
C LYS A 93 -2.13 -1.37 -2.97
N THR A 94 -0.91 -1.74 -2.52
CA THR A 94 0.08 -2.40 -3.41
C THR A 94 -0.35 -3.85 -3.65
N PHE A 95 -1.01 -4.50 -2.69
CA PHE A 95 -1.62 -5.85 -2.89
C PHE A 95 -2.79 -5.76 -3.86
N THR A 96 -3.64 -4.76 -3.70
CA THR A 96 -4.79 -4.52 -4.60
C THR A 96 -4.28 -4.30 -6.02
N ALA A 97 -3.23 -3.49 -6.18
CA ALA A 97 -2.63 -3.26 -7.50
C ALA A 97 -2.11 -4.58 -8.07
N THR A 98 -1.59 -5.47 -7.23
CA THR A 98 -1.00 -6.76 -7.69
C THR A 98 -2.14 -7.62 -8.22
N LEU A 99 -3.27 -7.62 -7.54
CA LEU A 99 -4.45 -8.40 -8.02
CA LEU A 99 -4.48 -8.37 -7.99
C LEU A 99 -4.90 -7.83 -9.37
N ALA A 100 -4.96 -6.51 -9.50
CA ALA A 100 -5.32 -5.88 -10.80
C ALA A 100 -4.28 -6.29 -11.85
N GLY A 101 -3.00 -6.31 -11.47
CA GLY A 101 -1.92 -6.75 -12.37
C GLY A 101 -2.18 -8.16 -12.87
N TYR A 102 -2.69 -9.03 -11.99
CA TYR A 102 -3.07 -10.42 -12.37
C TYR A 102 -4.22 -10.37 -13.38
N ALA A 103 -5.27 -9.59 -13.14
CA ALA A 103 -6.40 -9.46 -14.10
C ALA A 103 -5.88 -8.94 -15.45
N LEU A 104 -4.95 -7.97 -15.44
CA LEU A 104 -4.36 -7.44 -16.69
C LEU A 104 -3.60 -8.57 -17.41
N ALA A 105 -2.82 -9.37 -16.67
CA ALA A 105 -2.01 -10.48 -17.23
C ALA A 105 -2.92 -11.54 -17.85
N GLN A 106 -4.12 -11.72 -17.31
CA GLN A 106 -5.12 -12.75 -17.75
CA GLN A 106 -5.09 -12.76 -17.79
C GLN A 106 -6.01 -12.15 -18.86
N ASP A 107 -5.77 -10.90 -19.26
CA ASP A 107 -6.55 -10.19 -20.31
C ASP A 107 -8.03 -10.05 -19.93
N LYS A 108 -8.34 -9.99 -18.62
CA LYS A 108 -9.73 -9.88 -18.13
C LYS A 108 -10.12 -8.40 -18.05
N MET A 109 -9.14 -7.51 -18.03
CA MET A 109 -9.39 -6.05 -18.05
C MET A 109 -8.21 -5.37 -18.72
N ARG A 110 -8.41 -4.11 -19.13
CA ARG A 110 -7.36 -3.20 -19.59
C ARG A 110 -7.47 -1.92 -18.76
N LEU A 111 -6.37 -1.21 -18.54
CA LEU A 111 -6.40 0.03 -17.73
C LEU A 111 -7.24 1.10 -18.44
N ASP A 112 -7.38 1.02 -19.77
CA ASP A 112 -8.15 2.03 -20.56
CA ASP A 112 -8.15 2.02 -20.57
C ASP A 112 -9.64 1.69 -20.53
N ASP A 113 -10.04 0.57 -19.94
CA ASP A 113 -11.48 0.19 -19.85
C ASP A 113 -12.22 1.31 -19.12
N ARG A 114 -13.45 1.61 -19.55
CA ARG A 114 -14.36 2.42 -18.72
C ARG A 114 -14.75 1.60 -17.49
N ALA A 115 -14.84 2.25 -16.33
CA ALA A 115 -15.12 1.57 -15.06
C ALA A 115 -16.43 0.80 -15.19
N SER A 116 -17.42 1.41 -15.83
CA SER A 116 -18.78 0.82 -15.89
C SER A 116 -18.77 -0.47 -16.73
N GLN A 117 -17.73 -0.74 -17.52
CA GLN A 117 -17.64 -2.03 -18.27
C GLN A 117 -17.74 -3.23 -17.30
N HIS A 118 -17.25 -3.09 -16.07
CA HIS A 118 -17.04 -4.24 -15.16
C HIS A 118 -18.12 -4.30 -14.08
N TRP A 119 -19.08 -3.37 -14.09
CA TRP A 119 -20.18 -3.37 -13.09
C TRP A 119 -21.42 -2.72 -13.71
N PRO A 120 -22.41 -3.53 -14.18
CA PRO A 120 -23.57 -2.97 -14.87
C PRO A 120 -24.34 -1.95 -14.04
N ALA A 121 -24.34 -2.06 -12.71
CA ALA A 121 -24.96 -1.07 -11.81
C ALA A 121 -24.43 0.33 -12.14
N LEU A 122 -23.22 0.46 -12.66
CA LEU A 122 -22.60 1.79 -12.95
C LEU A 122 -22.92 2.26 -14.37
N GLN A 123 -23.55 1.43 -15.21
CA GLN A 123 -23.91 1.85 -16.59
CA GLN A 123 -23.92 1.84 -16.58
C GLN A 123 -24.87 3.05 -16.46
N GLY A 124 -24.61 4.12 -17.21
CA GLY A 124 -25.44 5.33 -17.19
C GLY A 124 -24.96 6.36 -16.18
N SER A 125 -23.98 5.99 -15.36
CA SER A 125 -23.38 6.92 -14.36
C SER A 125 -22.17 7.62 -14.99
N ARG A 126 -21.53 8.51 -14.24
CA ARG A 126 -20.33 9.23 -14.72
CA ARG A 126 -20.33 9.22 -14.73
C ARG A 126 -19.16 8.23 -14.87
N PHE A 127 -19.29 7.04 -14.31
CA PHE A 127 -18.27 5.95 -14.47
C PHE A 127 -18.26 5.38 -15.89
N ASP A 128 -19.23 5.76 -16.73
CA ASP A 128 -19.15 5.47 -18.18
C ASP A 128 -17.99 6.26 -18.81
N GLY A 129 -17.51 7.33 -18.17
CA GLY A 129 -16.48 8.24 -18.73
C GLY A 129 -15.20 8.27 -17.92
N ILE A 130 -15.05 7.32 -17.00
CA ILE A 130 -13.85 7.23 -16.12
C ILE A 130 -13.16 5.88 -16.35
N SER A 131 -11.85 5.90 -16.55
CA SER A 131 -11.04 4.68 -16.83
C SER A 131 -10.61 3.99 -15.54
N LEU A 132 -10.29 2.71 -15.64
CA LEU A 132 -9.69 1.97 -14.50
C LEU A 132 -8.38 2.66 -14.08
N LEU A 133 -7.60 3.16 -15.05
CA LEU A 133 -6.34 3.88 -14.74
C LEU A 133 -6.63 5.11 -13.86
N ASP A 134 -7.63 5.92 -14.23
CA ASP A 134 -8.06 7.09 -13.41
C ASP A 134 -8.35 6.62 -11.98
N LEU A 135 -9.10 5.54 -11.79
CA LEU A 135 -9.43 5.07 -10.43
C LEU A 135 -8.17 4.64 -9.69
N ALA A 136 -7.30 3.87 -10.34
CA ALA A 136 -6.08 3.31 -9.71
C ALA A 136 -5.16 4.44 -9.26
N THR A 137 -5.11 5.54 -10.00
CA THR A 137 -4.09 6.61 -9.82
C THR A 137 -4.74 7.89 -9.28
N TYR A 138 -5.96 7.80 -8.77
CA TYR A 138 -6.60 8.88 -7.97
C TYR A 138 -6.89 10.10 -8.86
N THR A 139 -7.14 9.91 -10.16
CA THR A 139 -7.40 11.02 -11.09
C THR A 139 -8.81 10.95 -11.68
N ALA A 140 -9.76 10.31 -11.02
CA ALA A 140 -11.13 10.16 -11.56
C ALA A 140 -11.88 11.49 -11.55
N GLY A 141 -11.39 12.53 -10.85
CA GLY A 141 -12.01 13.87 -10.86
C GLY A 141 -12.56 14.27 -9.50
N GLY A 142 -11.88 13.91 -8.41
CA GLY A 142 -12.15 14.43 -7.08
C GLY A 142 -12.90 13.46 -6.19
N LEU A 143 -12.86 12.15 -6.44
CA LEU A 143 -13.32 11.19 -5.41
C LEU A 143 -12.56 11.52 -4.13
N PRO A 144 -13.26 11.58 -2.99
CA PRO A 144 -12.66 12.09 -1.75
C PRO A 144 -11.74 11.08 -1.08
N LEU A 145 -11.02 11.54 -0.05
CA LEU A 145 -10.06 10.68 0.68
C LEU A 145 -10.80 9.48 1.25
N GLN A 146 -11.95 9.71 1.89
CA GLN A 146 -12.78 8.65 2.51
C GLN A 146 -14.15 8.59 1.86
N PHE A 147 -14.77 7.42 1.88
CA PHE A 147 -16.24 7.38 1.74
C PHE A 147 -16.83 8.30 2.79
N PRO A 148 -17.93 9.02 2.49
CA PRO A 148 -18.58 9.82 3.51
C PRO A 148 -19.15 8.90 4.60
N ASP A 149 -19.38 9.46 5.79
CA ASP A 149 -19.85 8.67 6.95
C ASP A 149 -21.21 8.05 6.62
N SER A 150 -22.00 8.68 5.74
CA SER A 150 -23.33 8.16 5.30
C SER A 150 -23.20 6.81 4.59
N VAL A 151 -21.99 6.40 4.15
CA VAL A 151 -21.81 5.12 3.43
C VAL A 151 -21.19 4.08 4.36
N GLN A 152 -21.99 3.12 4.81
CA GLN A 152 -21.56 2.00 5.68
C GLN A 152 -21.03 0.85 4.81
N LYS A 153 -20.40 -0.14 5.44
CA LYS A 153 -19.97 -1.37 4.71
C LYS A 153 -21.24 -2.14 4.34
N ASP A 154 -21.80 -1.79 3.19
CA ASP A 154 -23.10 -2.33 2.71
C ASP A 154 -23.10 -2.21 1.19
N GLN A 155 -23.26 -3.32 0.48
CA GLN A 155 -23.18 -3.37 -1.00
C GLN A 155 -24.07 -2.29 -1.63
N ALA A 156 -25.33 -2.19 -1.19
CA ALA A 156 -26.32 -1.27 -1.79
C ALA A 156 -25.89 0.20 -1.59
N GLN A 157 -25.38 0.54 -0.41
CA GLN A 157 -24.94 1.92 -0.09
C GLN A 157 -23.74 2.27 -0.98
N ILE A 158 -22.81 1.33 -1.17
CA ILE A 158 -21.59 1.58 -1.98
C ILE A 158 -21.99 1.76 -3.46
N ARG A 159 -22.83 0.86 -3.95
CA ARG A 159 -23.41 0.95 -5.32
C ARG A 159 -24.06 2.33 -5.50
N ASP A 160 -24.95 2.72 -4.60
CA ASP A 160 -25.72 3.99 -4.76
C ASP A 160 -24.76 5.18 -4.68
N TYR A 161 -23.70 5.08 -3.87
CA TYR A 161 -22.73 6.19 -3.71
C TYR A 161 -22.07 6.44 -5.07
N TYR A 162 -21.53 5.42 -5.72
CA TYR A 162 -20.86 5.58 -7.03
C TYR A 162 -21.85 5.99 -8.11
N ARG A 163 -23.09 5.47 -8.08
CA ARG A 163 -24.09 5.81 -9.13
C ARG A 163 -24.35 7.33 -9.14
N GLN A 164 -24.34 7.98 -7.98
CA GLN A 164 -24.78 9.40 -7.86
C GLN A 164 -23.58 10.35 -7.94
N TRP A 165 -22.35 9.84 -7.82
CA TRP A 165 -21.15 10.70 -7.73
C TRP A 165 -20.86 11.40 -9.06
N GLN A 166 -20.51 12.68 -8.98
CA GLN A 166 -20.18 13.51 -10.17
C GLN A 166 -18.82 14.16 -9.94
N PRO A 167 -17.93 14.13 -10.95
CA PRO A 167 -16.60 14.73 -10.87
CA PRO A 167 -16.61 14.72 -10.82
C PRO A 167 -16.63 16.24 -10.62
N THR A 168 -15.70 16.72 -9.82
CA THR A 168 -15.46 18.16 -9.59
C THR A 168 -14.67 18.74 -10.77
N TYR A 169 -13.82 17.91 -11.41
CA TYR A 169 -12.96 18.36 -12.54
C TYR A 169 -12.75 17.15 -13.45
N ALA A 170 -12.25 17.41 -14.66
CA ALA A 170 -12.10 16.41 -15.72
C ALA A 170 -11.31 15.21 -15.20
N PRO A 171 -11.84 13.99 -15.36
CA PRO A 171 -11.04 12.78 -15.12
C PRO A 171 -9.72 12.89 -15.87
N GLY A 172 -8.63 12.48 -15.20
CA GLY A 172 -7.28 12.43 -15.78
C GLY A 172 -6.47 13.68 -15.52
N SER A 173 -7.02 14.70 -14.89
CA SER A 173 -6.38 16.04 -14.79
C SER A 173 -5.77 16.28 -13.41
N GLN A 174 -6.38 15.83 -12.32
CA GLN A 174 -5.93 16.17 -10.95
C GLN A 174 -5.88 14.93 -10.08
N ARG A 175 -4.79 14.81 -9.35
CA ARG A 175 -4.62 13.72 -8.36
C ARG A 175 -5.20 14.19 -7.03
N LEU A 176 -6.13 13.43 -6.49
CA LEU A 176 -6.61 13.58 -5.10
C LEU A 176 -6.61 12.19 -4.47
N TYR A 177 -5.67 11.94 -3.57
CA TYR A 177 -5.50 10.63 -2.92
C TYR A 177 -6.81 10.17 -2.32
N SER A 178 -7.25 8.95 -2.64
CA SER A 178 -8.67 8.57 -2.41
C SER A 178 -8.82 7.08 -2.21
N ASN A 179 -9.39 6.70 -1.07
CA ASN A 179 -9.78 5.31 -0.75
C ASN A 179 -10.92 4.84 -1.66
N PRO A 180 -12.04 5.58 -1.82
CA PRO A 180 -13.09 5.12 -2.75
C PRO A 180 -12.58 4.99 -4.19
N SER A 181 -11.55 5.75 -4.60
CA SER A 181 -11.02 5.66 -5.98
C SER A 181 -10.32 4.29 -6.18
N ILE A 182 -9.24 4.03 -5.47
CA ILE A 182 -8.51 2.75 -5.71
C ILE A 182 -9.33 1.59 -5.12
N GLY A 183 -10.22 1.83 -4.15
CA GLY A 183 -11.15 0.81 -3.65
C GLY A 183 -12.02 0.28 -4.80
N LEU A 184 -12.60 1.18 -5.58
CA LEU A 184 -13.40 0.78 -6.75
C LEU A 184 -12.52 0.07 -7.78
N PHE A 185 -11.29 0.53 -7.99
CA PHE A 185 -10.35 -0.13 -8.94
C PHE A 185 -10.19 -1.61 -8.56
N GLY A 186 -9.97 -1.90 -7.28
CA GLY A 186 -9.78 -3.28 -6.79
C GLY A 186 -11.06 -4.09 -6.91
N TYR A 187 -12.18 -3.45 -6.60
CA TYR A 187 -13.51 -4.10 -6.64
C TYR A 187 -13.81 -4.49 -8.09
N LEU A 188 -13.50 -3.63 -9.04
CA LEU A 188 -13.75 -3.91 -10.48
C LEU A 188 -12.74 -4.92 -11.02
N ALA A 189 -11.49 -4.86 -10.58
CA ALA A 189 -10.51 -5.90 -10.95
C ALA A 189 -11.05 -7.26 -10.54
N ALA A 190 -11.59 -7.37 -9.32
CA ALA A 190 -12.15 -8.66 -8.82
C ALA A 190 -13.34 -9.06 -9.70
N ARG A 191 -14.23 -8.13 -10.03
CA ARG A 191 -15.39 -8.42 -10.91
C ARG A 191 -14.90 -8.93 -12.26
N SER A 192 -13.81 -8.38 -12.82
CA SER A 192 -13.24 -8.81 -14.12
C SER A 192 -12.81 -10.28 -14.03
N LEU A 193 -12.45 -10.74 -12.84
CA LEU A 193 -11.98 -12.13 -12.58
C LEU A 193 -13.16 -13.01 -12.13
N GLY A 194 -14.35 -12.44 -11.98
CA GLY A 194 -15.59 -13.21 -11.71
C GLY A 194 -15.66 -13.75 -10.29
N GLN A 195 -14.89 -13.22 -9.34
CA GLN A 195 -14.84 -13.70 -7.95
C GLN A 195 -14.77 -12.53 -6.98
N PRO A 196 -15.22 -12.69 -5.72
CA PRO A 196 -15.08 -11.62 -4.74
C PRO A 196 -13.61 -11.27 -4.50
N PHE A 197 -13.37 -10.00 -4.20
CA PHE A 197 -12.00 -9.48 -3.97
C PHE A 197 -11.31 -10.30 -2.87
N GLU A 198 -12.02 -10.47 -1.74
CA GLU A 198 -11.41 -11.06 -0.54
C GLU A 198 -11.00 -12.50 -0.84
N ARG A 199 -11.84 -13.21 -1.60
CA ARG A 199 -11.57 -14.64 -1.93
C ARG A 199 -10.36 -14.71 -2.87
N LEU A 200 -10.28 -13.82 -3.84
CA LEU A 200 -9.14 -13.81 -4.79
C LEU A 200 -7.85 -13.55 -4.01
N MET A 201 -7.87 -12.58 -3.10
CA MET A 201 -6.66 -12.21 -2.32
CA MET A 201 -6.66 -12.21 -2.34
C MET A 201 -6.22 -13.42 -1.50
N GLU A 202 -7.14 -14.01 -0.75
CA GLU A 202 -6.85 -15.12 0.19
C GLU A 202 -6.41 -16.36 -0.55
N GLN A 203 -7.13 -16.73 -1.60
CA GLN A 203 -7.00 -18.07 -2.20
C GLN A 203 -6.04 -18.04 -3.40
N GLN A 204 -5.77 -16.90 -4.05
CA GLN A 204 -4.88 -16.88 -5.23
CA GLN A 204 -4.91 -16.85 -5.25
C GLN A 204 -3.67 -15.97 -4.99
N VAL A 205 -3.87 -14.72 -4.59
CA VAL A 205 -2.75 -13.73 -4.52
C VAL A 205 -1.78 -14.13 -3.41
N PHE A 206 -2.23 -14.26 -2.15
CA PHE A 206 -1.31 -14.55 -1.03
C PHE A 206 -0.56 -15.86 -1.31
N PRO A 207 -1.23 -16.96 -1.72
CA PRO A 207 -0.50 -18.20 -1.99
C PRO A 207 0.51 -18.09 -3.14
N ALA A 208 0.14 -17.38 -4.20
CA ALA A 208 1.05 -17.17 -5.36
C ALA A 208 2.31 -16.42 -4.93
N LEU A 209 2.23 -15.57 -3.90
CA LEU A 209 3.36 -14.73 -3.43
C LEU A 209 4.10 -15.44 -2.28
N GLY A 210 3.62 -16.60 -1.82
CA GLY A 210 4.25 -17.37 -0.73
C GLY A 210 3.99 -16.77 0.63
N LEU A 211 2.84 -16.15 0.85
CA LEU A 211 2.55 -15.39 2.09
C LEU A 211 1.52 -16.15 2.94
N GLU A 212 1.98 -16.79 4.01
CA GLU A 212 1.11 -17.58 4.92
C GLU A 212 0.84 -16.81 6.22
N GLN A 213 1.45 -15.63 6.39
CA GLN A 213 1.24 -14.78 7.60
CA GLN A 213 1.27 -14.77 7.60
C GLN A 213 0.67 -13.43 7.16
N THR A 214 -0.12 -13.45 6.09
CA THR A 214 -0.73 -12.25 5.50
C THR A 214 -2.23 -12.50 5.39
N HIS A 215 -3.05 -11.61 5.94
CA HIS A 215 -4.50 -11.86 6.13
C HIS A 215 -5.31 -10.63 5.79
N LEU A 216 -6.51 -10.85 5.28
CA LEU A 216 -7.57 -9.84 5.30
C LEU A 216 -8.43 -10.04 6.56
N ASP A 217 -8.62 -11.30 6.95
CA ASP A 217 -9.44 -11.69 8.11
C ASP A 217 -8.59 -12.64 8.96
N VAL A 218 -8.01 -12.13 10.05
CA VAL A 218 -6.99 -12.88 10.81
C VAL A 218 -7.67 -14.09 11.41
N PRO A 219 -7.20 -15.32 11.13
CA PRO A 219 -7.77 -16.48 11.80
C PRO A 219 -7.65 -16.39 13.32
N GLU A 220 -8.62 -16.97 14.01
CA GLU A 220 -8.60 -17.17 15.47
C GLU A 220 -7.23 -17.69 15.91
N ALA A 221 -6.68 -18.65 15.18
CA ALA A 221 -5.41 -19.34 15.54
C ALA A 221 -4.23 -18.36 15.49
N ALA A 222 -4.33 -17.28 14.72
CA ALA A 222 -3.25 -16.28 14.56
C ALA A 222 -3.50 -15.04 15.44
N LEU A 223 -4.61 -14.93 16.15
CA LEU A 223 -5.00 -13.66 16.84
CA LEU A 223 -5.02 -13.69 16.85
C LEU A 223 -3.96 -13.28 17.90
N ALA A 224 -3.29 -14.27 18.49
CA ALA A 224 -2.27 -14.04 19.53
C ALA A 224 -1.12 -13.21 18.95
N GLN A 225 -0.89 -13.28 17.63
CA GLN A 225 0.21 -12.53 16.94
CA GLN A 225 0.20 -12.54 16.94
C GLN A 225 -0.25 -11.11 16.60
N TYR A 226 -1.55 -10.80 16.65
CA TYR A 226 -2.11 -9.49 16.21
C TYR A 226 -1.77 -8.43 17.27
N ALA A 227 -0.87 -7.50 16.94
CA ALA A 227 -0.50 -6.41 17.85
C ALA A 227 -1.71 -5.55 18.18
N GLN A 228 -1.70 -4.95 19.38
CA GLN A 228 -2.66 -3.87 19.70
C GLN A 228 -2.21 -2.61 18.99
N GLY A 229 -3.17 -1.82 18.48
CA GLY A 229 -2.91 -0.46 18.00
C GLY A 229 -3.18 0.54 19.10
N TYR A 230 -2.46 1.66 19.09
CA TYR A 230 -2.53 2.71 20.13
C TYR A 230 -2.78 4.06 19.47
N GLY A 231 -3.83 4.75 19.96
CA GLY A 231 -4.11 6.17 19.65
C GLY A 231 -4.03 7.04 20.90
N LYS A 232 -4.90 8.07 20.96
CA LYS A 232 -4.90 9.10 22.04
C LYS A 232 -5.26 8.46 23.38
N ASP A 233 -4.46 8.75 24.42
CA ASP A 233 -4.55 8.17 25.79
C ASP A 233 -4.32 6.65 25.72
N ASP A 234 -3.58 6.20 24.69
CA ASP A 234 -3.37 4.76 24.39
C ASP A 234 -4.72 4.03 24.28
N ARG A 235 -5.76 4.69 23.76
CA ARG A 235 -7.01 3.97 23.40
C ARG A 235 -6.64 2.85 22.43
N PRO A 236 -7.14 1.62 22.66
CA PRO A 236 -6.88 0.49 21.78
C PRO A 236 -7.66 0.62 20.47
N LEU A 237 -6.98 0.36 19.36
CA LEU A 237 -7.56 0.56 18.02
C LEU A 237 -7.11 -0.59 17.14
N ARG A 238 -8.01 -1.55 16.88
CA ARG A 238 -7.89 -2.47 15.73
C ARG A 238 -9.01 -2.09 14.79
N VAL A 239 -8.74 -2.14 13.48
CA VAL A 239 -9.66 -1.57 12.47
C VAL A 239 -10.96 -2.40 12.43
N GLY A 240 -12.10 -1.71 12.37
CA GLY A 240 -13.42 -2.32 12.20
C GLY A 240 -13.86 -2.30 10.74
N PRO A 241 -15.09 -2.76 10.45
CA PRO A 241 -15.60 -2.81 9.08
CA PRO A 241 -15.59 -2.81 9.07
C PRO A 241 -15.78 -1.41 8.46
N GLY A 242 -15.58 -1.32 7.16
CA GLY A 242 -15.80 -0.07 6.41
C GLY A 242 -16.03 -0.43 4.96
N PRO A 243 -16.67 0.46 4.17
CA PRO A 243 -16.87 0.20 2.75
C PRO A 243 -15.56 0.00 1.97
N LEU A 244 -15.50 -1.10 1.21
CA LEU A 244 -14.32 -1.53 0.42
C LEU A 244 -13.06 -1.47 1.30
N ASP A 245 -13.18 -1.88 2.55
CA ASP A 245 -12.03 -1.88 3.49
C ASP A 245 -10.94 -2.85 3.01
N ALA A 246 -11.30 -4.02 2.45
CA ALA A 246 -10.28 -5.01 2.06
C ALA A 246 -9.37 -4.39 0.98
N GLU A 247 -9.97 -3.71 0.01
CA GLU A 247 -9.29 -3.15 -1.18
C GLU A 247 -8.42 -1.95 -0.76
N GLY A 248 -8.89 -1.14 0.19
CA GLY A 248 -8.19 0.11 0.56
C GLY A 248 -7.11 -0.12 1.61
N HIS A 249 -7.38 -0.95 2.62
CA HIS A 249 -6.54 -0.95 3.84
C HIS A 249 -6.72 -2.23 4.65
N GLY A 250 -7.06 -3.34 3.99
CA GLY A 250 -7.54 -4.59 4.63
C GLY A 250 -6.44 -5.47 5.20
N VAL A 251 -5.19 -5.29 4.80
CA VAL A 251 -4.16 -6.33 5.07
C VAL A 251 -3.59 -6.20 6.49
N LYS A 252 -3.47 -7.34 7.17
CA LYS A 252 -2.65 -7.50 8.38
C LYS A 252 -1.55 -8.48 8.04
N THR A 253 -0.30 -8.13 8.36
CA THR A 253 0.84 -8.97 7.99
C THR A 253 1.99 -8.73 8.98
N SER A 254 2.93 -9.66 8.94
CA SER A 254 4.17 -9.58 9.73
C SER A 254 5.26 -8.86 8.92
N ALA A 255 6.26 -8.39 9.63
CA ALA A 255 7.44 -7.76 8.98
C ALA A 255 8.09 -8.81 8.06
N ALA A 256 8.19 -10.06 8.48
CA ALA A 256 8.85 -11.09 7.67
C ALA A 256 8.01 -11.35 6.40
N ASP A 257 6.68 -11.43 6.52
CA ASP A 257 5.86 -11.64 5.30
C ASP A 257 5.91 -10.41 4.40
N LEU A 258 5.85 -9.20 4.95
CA LEU A 258 5.83 -8.02 4.05
C LEU A 258 7.19 -7.93 3.34
N LEU A 259 8.27 -8.39 3.98
CA LEU A 259 9.59 -8.38 3.31
C LEU A 259 9.58 -9.43 2.19
N ARG A 260 8.91 -10.57 2.39
CA ARG A 260 8.73 -11.54 1.27
C ARG A 260 8.05 -10.83 0.10
N PHE A 261 7.05 -10.01 0.36
CA PHE A 261 6.34 -9.27 -0.71
C PHE A 261 7.30 -8.28 -1.37
N VAL A 262 8.10 -7.57 -0.59
CA VAL A 262 9.14 -6.66 -1.13
C VAL A 262 10.12 -7.48 -1.99
N ASP A 263 10.50 -8.66 -1.54
CA ASP A 263 11.49 -9.47 -2.29
C ASP A 263 10.86 -9.94 -3.59
N ALA A 264 9.56 -10.24 -3.62
CA ALA A 264 8.84 -10.56 -4.86
C ALA A 264 8.88 -9.36 -5.81
N ASN A 265 8.67 -8.15 -5.26
CA ASN A 265 8.73 -6.91 -6.06
C ASN A 265 10.16 -6.68 -6.61
N LEU A 266 11.19 -7.04 -5.86
CA LEU A 266 12.60 -6.83 -6.31
C LEU A 266 12.96 -7.84 -7.40
N HIS A 267 12.31 -9.00 -7.40
CA HIS A 267 12.63 -10.12 -8.34
C HIS A 267 11.37 -10.79 -8.88
N PRO A 268 10.52 -10.06 -9.64
CA PRO A 268 9.29 -10.65 -10.18
C PRO A 268 9.58 -11.89 -11.03
N GLU A 269 10.77 -11.92 -11.65
CA GLU A 269 11.18 -13.01 -12.58
C GLU A 269 11.26 -14.37 -11.85
N ARG A 270 11.30 -14.40 -10.52
CA ARG A 270 11.37 -15.67 -9.73
C ARG A 270 9.99 -16.30 -9.57
N LEU A 271 8.92 -15.58 -9.89
CA LEU A 271 7.54 -16.11 -9.72
C LEU A 271 7.09 -16.75 -11.05
N ASP A 272 6.11 -17.63 -10.96
CA ASP A 272 5.39 -18.14 -12.15
C ASP A 272 4.90 -16.93 -12.96
N ARG A 273 4.92 -17.06 -14.29
CA ARG A 273 4.95 -15.94 -15.26
C ARG A 273 3.77 -14.96 -15.13
N PRO A 274 2.51 -15.43 -14.92
CA PRO A 274 1.38 -14.52 -14.77
CA PRO A 274 1.41 -14.47 -14.81
C PRO A 274 1.60 -13.61 -13.55
N TRP A 275 2.20 -14.15 -12.49
CA TRP A 275 2.43 -13.37 -11.24
C TRP A 275 3.63 -12.45 -11.43
N ALA A 276 4.66 -12.88 -12.14
CA ALA A 276 5.75 -11.95 -12.52
C ALA A 276 5.16 -10.75 -13.26
N GLN A 277 4.30 -10.97 -14.26
CA GLN A 277 3.65 -9.87 -15.02
C GLN A 277 2.78 -9.01 -14.09
N ALA A 278 2.10 -9.62 -13.13
CA ALA A 278 1.21 -8.90 -12.19
C ALA A 278 2.03 -7.88 -11.39
N LEU A 279 3.18 -8.32 -10.88
CA LEU A 279 4.09 -7.45 -10.10
C LEU A 279 4.65 -6.37 -11.03
N ASP A 280 5.07 -6.74 -12.25
CA ASP A 280 5.65 -5.76 -13.19
C ASP A 280 4.63 -4.64 -13.46
N ALA A 281 3.34 -4.95 -13.49
CA ALA A 281 2.29 -3.95 -13.78
C ALA A 281 2.29 -2.86 -12.71
N THR A 282 2.78 -3.17 -11.50
CA THR A 282 2.82 -2.22 -10.36
C THR A 282 4.09 -1.37 -10.43
N HIS A 283 4.95 -1.60 -11.41
CA HIS A 283 6.24 -0.87 -11.59
C HIS A 283 6.21 -0.01 -12.85
N ARG A 284 5.08 0.65 -13.12
CA ARG A 284 4.85 1.47 -14.33
CA ARG A 284 4.92 1.48 -14.32
C ARG A 284 4.33 2.82 -13.88
N GLY A 285 5.06 3.89 -14.19
CA GLY A 285 4.66 5.26 -13.79
C GLY A 285 3.86 5.94 -14.87
N TYR A 286 2.81 6.66 -14.49
CA TYR A 286 1.84 7.24 -15.45
C TYR A 286 1.92 8.76 -15.49
N TYR A 287 2.30 9.40 -14.40
CA TYR A 287 2.38 10.87 -14.31
C TYR A 287 3.27 11.25 -13.13
N LYS A 288 3.68 12.50 -13.11
CA LYS A 288 4.46 13.06 -11.99
C LYS A 288 3.67 14.15 -11.28
N VAL A 289 3.82 14.20 -9.96
CA VAL A 289 3.44 15.34 -9.11
C VAL A 289 4.68 15.68 -8.28
N GLY A 290 5.21 16.87 -8.47
CA GLY A 290 6.46 17.23 -7.80
C GLY A 290 7.53 16.21 -8.14
N ASP A 291 8.17 15.65 -7.13
CA ASP A 291 9.28 14.68 -7.29
C ASP A 291 8.73 13.24 -7.44
N MET A 292 7.44 13.05 -7.29
CA MET A 292 6.86 11.69 -7.20
C MET A 292 6.29 11.27 -8.57
N THR A 293 6.57 10.03 -8.98
CA THR A 293 5.94 9.37 -10.16
C THR A 293 4.95 8.33 -9.67
N GLN A 294 3.70 8.42 -10.08
CA GLN A 294 2.60 7.57 -9.55
C GLN A 294 2.49 6.29 -10.39
N GLY A 295 2.62 5.15 -9.73
CA GLY A 295 2.32 3.85 -10.35
C GLY A 295 1.02 3.30 -9.83
N LEU A 296 0.78 2.00 -10.08
CA LEU A 296 -0.36 1.32 -9.44
C LEU A 296 0.08 0.91 -8.03
N GLY A 297 -0.49 1.57 -7.03
CA GLY A 297 -0.12 1.38 -5.61
C GLY A 297 1.18 2.09 -5.29
N TRP A 298 2.31 1.65 -5.88
CA TRP A 298 3.64 2.24 -5.58
C TRP A 298 3.72 3.69 -6.07
N GLU A 299 4.46 4.49 -5.31
CA GLU A 299 4.87 5.86 -5.69
C GLU A 299 6.38 5.87 -5.72
N ALA A 300 6.97 6.49 -6.75
CA ALA A 300 8.42 6.36 -6.99
C ALA A 300 9.10 7.73 -6.98
N TYR A 301 10.39 7.71 -6.67
CA TYR A 301 11.30 8.88 -6.62
C TYR A 301 12.60 8.50 -7.30
N ASP A 302 13.29 9.46 -7.90
CA ASP A 302 14.71 9.26 -8.26
C ASP A 302 15.48 8.92 -6.99
N TRP A 303 16.54 8.13 -7.11
CA TRP A 303 17.37 7.75 -5.95
C TRP A 303 18.82 7.78 -6.41
N PRO A 304 19.70 8.59 -5.77
CA PRO A 304 19.40 9.31 -4.54
C PRO A 304 18.53 10.57 -4.71
N ILE A 305 17.93 10.98 -3.59
CA ILE A 305 17.12 12.22 -3.47
C ILE A 305 17.27 12.65 -2.02
N SER A 306 17.17 13.95 -1.74
CA SER A 306 17.30 14.45 -0.36
C SER A 306 16.21 13.86 0.54
N LEU A 307 16.50 13.78 1.82
CA LEU A 307 15.49 13.38 2.84
C LEU A 307 14.33 14.37 2.80
N LYS A 308 14.60 15.69 2.74
CA LYS A 308 13.50 16.68 2.75
C LYS A 308 12.56 16.44 1.55
N ARG A 309 13.09 16.12 0.36
CA ARG A 309 12.22 15.90 -0.83
C ARG A 309 11.39 14.61 -0.64
N LEU A 310 11.98 13.56 -0.09
CA LEU A 310 11.20 12.31 0.11
C LEU A 310 10.13 12.53 1.18
N GLN A 311 10.42 13.33 2.21
CA GLN A 311 9.41 13.72 3.22
C GLN A 311 8.29 14.51 2.53
N ALA A 312 8.63 15.47 1.66
CA ALA A 312 7.65 16.36 1.00
C ALA A 312 6.72 15.54 0.09
N GLY A 313 7.24 14.52 -0.57
CA GLY A 313 6.44 13.63 -1.44
C GLY A 313 5.42 12.82 -0.66
N ASN A 314 5.71 12.60 0.63
CA ASN A 314 4.86 11.82 1.55
C ASN A 314 4.20 12.77 2.56
N SER A 315 4.00 14.03 2.21
CA SER A 315 3.55 15.06 3.16
C SER A 315 2.03 15.07 3.20
N THR A 316 1.46 15.74 4.20
CA THR A 316 -0.01 15.84 4.38
C THR A 316 -0.61 16.56 3.18
N PRO A 317 -0.07 17.70 2.70
CA PRO A 317 -0.61 18.38 1.52
C PRO A 317 -0.64 17.48 0.27
N MET A 318 0.39 16.65 0.08
CA MET A 318 0.44 15.71 -1.07
CA MET A 318 0.42 15.75 -1.11
C MET A 318 -0.80 14.82 -1.03
N ALA A 319 -1.15 14.36 0.16
CA ALA A 319 -2.21 13.36 0.41
C ALA A 319 -3.61 14.01 0.43
N LEU A 320 -3.74 15.27 0.88
CA LEU A 320 -5.07 15.82 1.19
C LEU A 320 -5.54 16.85 0.17
N GLN A 321 -4.67 17.41 -0.65
CA GLN A 321 -5.05 18.47 -1.61
C GLN A 321 -4.96 17.91 -3.01
N PRO A 322 -5.78 18.42 -3.94
CA PRO A 322 -5.63 18.05 -5.35
C PRO A 322 -4.39 18.70 -5.96
N HIS A 323 -3.71 17.96 -6.84
CA HIS A 323 -2.51 18.44 -7.56
C HIS A 323 -2.70 18.15 -9.04
N ARG A 324 -2.48 19.15 -9.90
CA ARG A 324 -2.46 18.96 -11.37
CA ARG A 324 -2.47 18.94 -11.37
C ARG A 324 -1.31 18.00 -11.70
N ILE A 325 -1.57 17.01 -12.55
CA ILE A 325 -0.55 16.00 -12.88
C ILE A 325 0.22 16.46 -14.11
N ALA A 326 1.46 15.98 -14.24
CA ALA A 326 2.24 16.05 -15.50
C ALA A 326 2.25 14.64 -16.09
N ARG A 327 1.37 14.38 -17.07
CA ARG A 327 1.19 13.05 -17.67
C ARG A 327 2.43 12.71 -18.49
N LEU A 328 2.93 11.48 -18.35
CA LEU A 328 4.06 10.99 -19.16
C LEU A 328 3.53 10.59 -20.54
N PRO A 329 4.29 10.88 -21.61
CA PRO A 329 3.86 10.53 -22.96
C PRO A 329 3.68 9.01 -23.14
N ALA A 330 4.40 8.19 -22.38
CA ALA A 330 4.18 6.74 -22.31
C ALA A 330 4.53 6.26 -20.91
N PRO A 331 4.01 5.12 -20.44
CA PRO A 331 4.27 4.70 -19.07
C PRO A 331 5.77 4.46 -18.92
N GLN A 332 6.29 4.79 -17.75
CA GLN A 332 7.74 4.76 -17.44
C GLN A 332 8.03 3.56 -16.54
N ALA A 333 9.08 2.80 -16.85
CA ALA A 333 9.51 1.67 -16.01
C ALA A 333 10.02 2.22 -14.67
N LEU A 334 9.45 1.77 -13.56
CA LEU A 334 9.90 2.18 -12.20
C LEU A 334 10.94 1.19 -11.72
N GLU A 335 12.17 1.40 -12.17
CA GLU A 335 13.30 0.46 -11.95
C GLU A 335 14.59 1.26 -11.88
N GLY A 336 15.70 0.57 -11.68
CA GLY A 336 17.02 1.22 -11.70
C GLY A 336 17.21 2.16 -10.53
N GLN A 337 17.58 3.41 -10.82
CA GLN A 337 18.01 4.40 -9.79
C GLN A 337 16.75 5.10 -9.26
N ARG A 338 15.90 4.33 -8.59
CA ARG A 338 14.60 4.85 -8.09
C ARG A 338 14.32 4.18 -6.76
N LEU A 339 13.59 4.90 -5.94
CA LEU A 339 13.01 4.35 -4.70
CA LEU A 339 13.00 4.38 -4.69
C LEU A 339 11.48 4.27 -4.91
N LEU A 340 10.94 3.08 -4.72
CA LEU A 340 9.48 2.84 -4.72
C LEU A 340 9.05 2.76 -3.27
N ASN A 341 7.95 3.42 -2.92
CA ASN A 341 7.53 3.44 -1.51
C ASN A 341 6.02 3.46 -1.40
N LYS A 342 5.55 3.16 -0.20
CA LYS A 342 4.14 3.39 0.17
C LYS A 342 4.06 3.51 1.69
N THR A 343 3.36 4.56 2.13
CA THR A 343 2.94 4.73 3.53
C THR A 343 1.59 4.06 3.71
N GLY A 344 1.29 3.67 4.94
CA GLY A 344 -0.03 3.12 5.25
C GLY A 344 -0.35 3.38 6.69
N SER A 345 -1.58 3.84 6.94
CA SER A 345 -2.03 4.17 8.30
C SER A 345 -3.44 3.64 8.55
N THR A 346 -3.68 3.27 9.78
CA THR A 346 -5.04 3.08 10.34
C THR A 346 -5.08 3.89 11.64
N ASN A 347 -6.21 3.89 12.34
CA ASN A 347 -6.29 4.69 13.58
C ASN A 347 -5.15 4.29 14.53
N GLY A 348 -4.76 3.00 14.61
CA GLY A 348 -3.78 2.56 15.63
C GLY A 348 -2.40 2.20 15.08
N PHE A 349 -2.17 2.28 13.78
CA PHE A 349 -0.94 1.69 13.17
C PHE A 349 -0.38 2.61 12.09
N GLY A 350 0.92 2.49 11.87
CA GLY A 350 1.70 3.28 10.91
C GLY A 350 2.75 2.40 10.31
N ALA A 351 2.65 2.19 9.00
CA ALA A 351 3.51 1.30 8.20
C ALA A 351 4.22 2.13 7.12
N TYR A 352 5.37 1.62 6.70
CA TYR A 352 6.12 2.23 5.58
C TYR A 352 6.93 1.12 4.92
N VAL A 353 6.90 1.10 3.59
CA VAL A 353 7.69 0.12 2.79
C VAL A 353 8.44 0.91 1.73
N ALA A 354 9.71 0.59 1.53
CA ALA A 354 10.48 1.23 0.44
C ALA A 354 11.44 0.21 -0.14
N PHE A 355 11.69 0.28 -1.43
CA PHE A 355 12.72 -0.60 -2.03
C PHE A 355 13.36 0.13 -3.22
N VAL A 356 14.58 -0.29 -3.53
CA VAL A 356 15.44 0.31 -4.58
C VAL A 356 15.75 -0.80 -5.60
N PRO A 357 14.98 -0.90 -6.70
CA PRO A 357 15.16 -2.01 -7.63
C PRO A 357 16.61 -2.20 -8.08
N GLY A 358 17.29 -1.11 -8.41
CA GLY A 358 18.64 -1.12 -8.98
C GLY A 358 19.72 -1.51 -7.99
N ARG A 359 19.40 -1.63 -6.70
CA ARG A 359 20.38 -1.98 -5.63
C ARG A 359 19.95 -3.25 -4.88
N ASP A 360 18.82 -3.88 -5.21
CA ASP A 360 18.33 -5.13 -4.57
C ASP A 360 18.23 -4.86 -3.06
N LEU A 361 17.67 -3.71 -2.70
CA LEU A 361 17.52 -3.25 -1.28
C LEU A 361 16.03 -3.11 -0.99
N GLY A 362 15.59 -3.65 0.13
CA GLY A 362 14.18 -3.56 0.53
C GLY A 362 14.09 -3.26 2.00
N LEU A 363 13.05 -2.53 2.39
CA LEU A 363 12.86 -2.16 3.81
C LEU A 363 11.37 -2.15 4.16
N VAL A 364 11.05 -2.68 5.33
CA VAL A 364 9.68 -2.65 5.90
C VAL A 364 9.80 -2.06 7.29
N ILE A 365 8.95 -1.11 7.63
CA ILE A 365 8.89 -0.58 9.02
C ILE A 365 7.43 -0.61 9.45
N LEU A 366 7.10 -1.47 10.43
CA LEU A 366 5.71 -1.62 10.91
C LEU A 366 5.63 -1.19 12.37
N ALA A 367 4.68 -0.35 12.72
CA ALA A 367 4.52 0.15 14.10
C ALA A 367 3.06 0.10 14.52
N ASN A 368 2.84 0.01 15.84
CA ASN A 368 1.47 0.01 16.39
C ASN A 368 1.16 1.36 17.01
N ARG A 369 1.63 2.45 16.41
CA ARG A 369 1.02 3.79 16.55
C ARG A 369 1.00 4.41 15.16
N ASN A 370 -0.03 5.19 14.88
CA ASN A 370 -0.07 6.03 13.67
C ASN A 370 0.77 7.28 13.96
N TYR A 371 2.04 7.24 13.58
CA TYR A 371 3.00 8.34 13.82
C TYR A 371 3.32 9.00 12.48
N PRO A 372 3.80 10.26 12.49
CA PRO A 372 3.83 11.04 11.27
C PRO A 372 4.66 10.41 10.15
N ASN A 373 4.16 10.55 8.92
CA ASN A 373 4.90 10.01 7.75
C ASN A 373 6.34 10.53 7.72
N ALA A 374 6.55 11.80 8.06
CA ALA A 374 7.89 12.41 8.04
C ALA A 374 8.87 11.57 8.88
N GLU A 375 8.38 11.05 10.00
CA GLU A 375 9.20 10.27 10.97
C GLU A 375 9.46 8.87 10.41
N ARG A 376 8.48 8.23 9.78
CA ARG A 376 8.69 6.94 9.08
C ARG A 376 9.80 7.09 8.03
N VAL A 377 9.72 8.16 7.25
CA VAL A 377 10.70 8.42 6.16
C VAL A 377 12.07 8.72 6.78
N LYS A 378 12.12 9.40 7.92
CA LYS A 378 13.41 9.67 8.61
CA LYS A 378 13.38 9.67 8.67
C LYS A 378 14.08 8.34 8.98
N ILE A 379 13.33 7.38 9.53
CA ILE A 379 13.93 6.06 9.87
C ILE A 379 14.44 5.43 8.58
N ALA A 380 13.58 5.33 7.57
CA ALA A 380 13.88 4.60 6.33
C ALA A 380 15.13 5.20 5.66
N TYR A 381 15.18 6.53 5.59
CA TYR A 381 16.27 7.24 4.89
C TYR A 381 17.62 6.98 5.57
N ALA A 382 17.64 7.01 6.91
CA ALA A 382 18.86 6.71 7.69
C ALA A 382 19.35 5.29 7.37
N ILE A 383 18.44 4.34 7.30
CA ILE A 383 18.80 2.91 7.08
C ILE A 383 19.29 2.76 5.62
N LEU A 384 18.51 3.25 4.64
CA LEU A 384 18.83 3.04 3.21
CA LEU A 384 18.83 3.06 3.21
C LEU A 384 20.15 3.75 2.85
N SER A 385 20.38 4.94 3.41
CA SER A 385 21.64 5.72 3.24
C SER A 385 22.82 4.95 3.83
N GLY A 386 22.64 4.34 5.00
CA GLY A 386 23.68 3.56 5.71
C GLY A 386 24.00 2.22 5.08
N LEU A 387 23.03 1.57 4.42
CA LEU A 387 23.27 0.32 3.65
C LEU A 387 24.09 0.67 2.40
N GLU A 388 23.91 1.86 1.81
CA GLU A 388 24.76 2.38 0.70
C GLU A 388 26.09 2.92 1.27
B CB4 B . -3.83 4.90 3.64
OB1 CB4 B . -3.44 4.33 4.82
OB2 CB4 B . -3.06 5.95 3.24
C7 CB4 B . -5.25 5.42 3.85
N10 CB4 B . -5.41 6.37 4.90
C11 CB4 B . -6.62 6.70 5.52
O12 CB4 B . -7.66 6.16 5.29
C13 CB4 B . -6.33 7.69 6.66
N16 CB4 B . -5.70 8.79 6.58
O17 CB4 B . -5.19 9.31 5.34
C18 CB4 B . -4.03 10.16 5.43
C14 CB4 B . -6.81 7.17 7.97
C15 CB4 B . -7.66 6.05 8.13
S16 CB4 B . -7.89 5.98 9.82
C17 CB4 B . -6.86 7.28 10.20
N18 CB4 B . -6.59 7.80 11.51
N19 CB4 B . -6.39 7.81 9.08
C19 CB4 B . -4.27 11.35 6.43
C20 CB4 B . -3.76 10.72 4.01
C21 CB4 B . -2.75 9.39 5.87
O2A CB4 B . -2.81 8.14 6.06
O2B CB4 B . -1.65 10.01 6.05
N1 IMD C . 9.21 -12.28 -15.87
C2 IMD C . 9.37 -11.09 -15.24
N3 IMD C . 8.62 -10.23 -15.88
C4 IMD C . 7.70 -10.91 -16.64
C5 IMD C . 8.09 -12.18 -16.65
#